data_1PP1
#
_entry.id   1PP1
#
_cell.length_a   100.261
_cell.length_b   100.261
_cell.length_c   103.340
_cell.angle_alpha   90.00
_cell.angle_beta   90.00
_cell.angle_gamma   90.00
#
_symmetry.space_group_name_H-M   'I 4'
#
loop_
_entity.id
_entity.type
_entity.pdbx_description
1 polymer 'p40 nucleoprotein'
2 water water
#
_entity_poly.entity_id   1
_entity_poly.type   'polypeptide(L)'
_entity_poly.pdbx_seq_one_letter_code
;VEFGS(MSE)PPKRRLVDDADA(MSE)EDQDLYEPPASLPKLPGKFLQYTVGGSDPHPGIGHEKDIRQNAVALLDQSRRD
(MSE)FHTVTPSLVFLCLLIPGLHAAFVHGGVPRESYLSTPVTRGEQTVVKTAKFYGEKTTQRDLTELEISSIFSHCCSL
LIGVVIGSSSKIKAGAEQIKKRFKT(MSE)(MSE)AALNRPSHGETATLLQ(MSE)FNPHEAIDWINGQPWVGSFVLSLL
TTDFESPGKEF(MSE)DQIKLVASYAQ(MSE)TTYTTIKEYLAEC(MSE)DATLTIPVVAYEIRDFLEVSAKLKEDHADL
FPFLGAIRHPDAIKLAPRSFPNLASAAFYWSKKENPT(MSE)AGYRASTIQPGASVKETQLARYRRREISRGEDGAELSG
EISAI(MSE)K(MSE)IGVTGLN
;
_entity_poly.pdbx_strand_id   X
#
# COMPACT_ATOMS: atom_id res chain seq x y z
N LYS A 33 -38.26 -23.39 -12.21
CA LYS A 33 -37.44 -22.33 -11.56
C LYS A 33 -36.62 -22.94 -10.41
N LEU A 34 -35.38 -22.46 -10.24
CA LEU A 34 -34.62 -22.73 -9.02
C LEU A 34 -35.41 -22.26 -7.80
N PRO A 35 -35.29 -22.93 -6.67
CA PRO A 35 -36.08 -22.55 -5.49
C PRO A 35 -35.64 -21.24 -4.82
N GLY A 36 -34.43 -20.74 -5.07
CA GLY A 36 -33.98 -19.52 -4.43
C GLY A 36 -33.22 -19.78 -3.14
N LYS A 37 -33.01 -21.03 -2.79
CA LYS A 37 -32.10 -21.38 -1.70
C LYS A 37 -30.64 -21.11 -2.11
N PHE A 38 -29.79 -20.93 -1.11
CA PHE A 38 -28.35 -20.73 -1.36
C PHE A 38 -27.57 -21.29 -0.18
N LEU A 39 -26.34 -21.73 -0.45
CA LEU A 39 -25.41 -22.17 0.58
C LEU A 39 -25.32 -21.13 1.71
N GLN A 40 -25.48 -21.63 2.94
CA GLN A 40 -25.44 -20.86 4.16
C GLN A 40 -24.07 -20.99 4.84
N TYR A 41 -23.60 -19.92 5.45
CA TYR A 41 -22.41 -19.99 6.28
C TYR A 41 -22.61 -20.92 7.48
N THR A 42 -21.59 -21.72 7.73
CA THR A 42 -21.46 -22.45 8.96
C THR A 42 -20.87 -21.53 10.01
N VAL A 43 -20.82 -22.06 11.22
CA VAL A 43 -20.18 -21.39 12.34
C VAL A 43 -19.21 -22.41 12.90
N GLY A 44 -17.95 -22.00 13.04
CA GLY A 44 -16.98 -22.82 13.75
C GLY A 44 -16.10 -23.62 12.81
N GLY A 45 -14.93 -23.08 12.54
CA GLY A 45 -13.99 -23.82 11.74
C GLY A 45 -12.58 -23.44 12.09
N SER A 46 -11.77 -24.45 12.33
CA SER A 46 -10.36 -24.22 12.36
C SER A 46 -9.85 -24.32 10.92
N ASP A 47 -9.19 -23.27 10.45
CA ASP A 47 -8.42 -23.32 9.20
C ASP A 47 -6.96 -23.17 9.55
N PRO A 48 -6.08 -23.59 8.66
CA PRO A 48 -4.65 -23.37 8.82
C PRO A 48 -4.31 -21.88 8.96
N HIS A 49 -3.32 -21.58 9.78
CA HIS A 49 -2.88 -20.20 10.03
C HIS A 49 -1.36 -20.17 10.11
N PRO A 50 -0.78 -19.03 9.80
CA PRO A 50 0.64 -18.82 10.00
C PRO A 50 0.90 -18.54 11.48
N GLY A 51 2.17 -18.44 11.86
CA GLY A 51 2.58 -18.08 13.19
C GLY A 51 3.85 -17.26 13.20
N ILE A 52 4.23 -16.80 14.40
CA ILE A 52 5.38 -15.95 14.60
C ILE A 52 6.41 -16.55 15.55
N GLY A 53 6.16 -17.76 16.06
CA GLY A 53 7.08 -18.42 16.96
C GLY A 53 7.24 -17.64 18.24
N HIS A 54 8.36 -17.84 18.92
CA HIS A 54 8.59 -17.18 20.20
C HIS A 54 9.58 -16.06 20.01
N GLU A 55 9.45 -15.02 20.83
CA GLU A 55 10.34 -13.84 20.71
C GLU A 55 11.82 -14.16 20.78
N LYS A 56 12.21 -15.06 21.69
CA LYS A 56 13.61 -15.42 21.84
C LYS A 56 14.16 -16.17 20.64
N ASP A 57 13.28 -16.72 19.82
CA ASP A 57 13.68 -17.49 18.68
C ASP A 57 13.64 -16.74 17.37
N ILE A 58 13.35 -15.43 17.37
CA ILE A 58 13.13 -14.71 16.12
C ILE A 58 14.31 -14.88 15.15
N ARG A 59 15.54 -14.62 15.60
CA ARG A 59 16.67 -14.69 14.70
C ARG A 59 16.95 -16.10 14.20
N GLN A 60 16.91 -17.09 15.09
CA GLN A 60 17.10 -18.49 14.69
C GLN A 60 16.02 -18.94 13.70
N ASN A 61 14.77 -18.57 13.94
CA ASN A 61 13.68 -18.86 12.99
C ASN A 61 13.93 -18.21 11.63
N ALA A 62 14.34 -16.95 11.64
CA ALA A 62 14.59 -16.20 10.41
C ALA A 62 15.71 -16.83 9.60
N VAL A 63 16.81 -17.21 10.25
CA VAL A 63 17.93 -17.85 9.56
C VAL A 63 17.48 -19.16 8.92
N ALA A 64 16.71 -19.96 9.66
CA ALA A 64 16.24 -21.25 9.12
C ALA A 64 15.31 -21.04 7.95
N LEU A 65 14.49 -19.99 8.02
CA LEU A 65 13.49 -19.75 7.00
C LEU A 65 14.05 -19.00 5.78
N LEU A 66 15.34 -18.71 5.75
CA LEU A 66 15.98 -18.24 4.52
C LEU A 66 16.08 -19.34 3.46
N ASP A 67 15.89 -20.59 3.87
CA ASP A 67 16.00 -21.74 2.96
C ASP A 67 14.61 -22.12 2.45
N GLN A 68 14.44 -22.18 1.13
CA GLN A 68 13.15 -22.56 0.54
C GLN A 68 12.63 -23.91 1.04
N SER A 69 13.50 -24.90 1.18
CA SER A 69 13.04 -26.24 1.60
C SER A 69 12.47 -26.18 3.04
N ARG A 70 12.99 -25.28 3.87
CA ARG A 70 12.39 -25.08 5.18
C ARG A 70 11.05 -24.34 5.13
N ARG A 71 10.98 -23.30 4.31
CA ARG A 71 9.71 -22.58 4.11
C ARG A 71 8.59 -23.50 3.63
N ASP A 72 8.92 -24.44 2.75
CA ASP A 72 7.98 -25.45 2.25
C ASP A 72 7.31 -26.26 3.34
N PHE A 74 6.07 -25.08 6.17
CA PHE A 74 5.09 -24.28 6.95
C PHE A 74 4.13 -23.44 6.10
N HIS A 75 3.04 -22.99 6.73
CA HIS A 75 2.16 -22.02 6.14
C HIS A 75 3.02 -20.94 5.43
N THR A 76 2.65 -20.60 4.21
CA THR A 76 3.44 -19.68 3.36
C THR A 76 3.67 -18.29 3.91
N VAL A 77 2.75 -17.83 4.76
CA VAL A 77 2.81 -16.50 5.31
C VAL A 77 3.81 -16.40 6.50
N THR A 78 4.04 -17.52 7.18
CA THR A 78 4.89 -17.53 8.37
C THR A 78 6.24 -16.84 8.24
N PRO A 79 7.06 -17.18 7.23
CA PRO A 79 8.37 -16.55 7.13
C PRO A 79 8.33 -15.03 7.00
N SER A 80 7.33 -14.49 6.32
CA SER A 80 7.18 -13.06 6.13
C SER A 80 6.91 -12.39 7.48
N LEU A 81 6.06 -13.00 8.29
CA LEU A 81 5.78 -12.49 9.63
C LEU A 81 7.02 -12.57 10.52
N VAL A 82 7.75 -13.67 10.46
CA VAL A 82 9.00 -13.83 11.20
C VAL A 82 10.04 -12.79 10.76
N PHE A 83 10.18 -12.55 9.45
CA PHE A 83 11.11 -11.53 8.95
C PHE A 83 10.73 -10.12 9.45
N LEU A 84 9.43 -9.82 9.51
CA LEU A 84 8.98 -8.53 10.05
C LEU A 84 9.36 -8.37 11.51
N CYS A 85 9.15 -9.43 12.29
CA CYS A 85 9.59 -9.47 13.69
C CYS A 85 11.10 -9.25 13.84
N LEU A 86 11.88 -9.83 12.96
CA LEU A 86 13.31 -9.59 12.95
C LEU A 86 13.65 -8.14 12.59
N LEU A 87 12.91 -7.60 11.61
CA LEU A 87 13.15 -6.23 11.14
C LEU A 87 12.90 -5.21 12.25
N ILE A 88 11.86 -5.42 13.03
CA ILE A 88 11.38 -4.39 13.94
C ILE A 88 11.23 -4.98 15.34
N PRO A 89 12.26 -4.85 16.16
CA PRO A 89 12.10 -5.23 17.58
C PRO A 89 10.87 -4.58 18.20
N GLY A 90 10.13 -5.34 19.02
CA GLY A 90 8.88 -4.87 19.59
C GLY A 90 7.65 -5.28 18.79
N LEU A 91 7.83 -5.64 17.52
CA LEU A 91 6.69 -5.96 16.68
C LEU A 91 6.06 -7.32 17.07
N HIS A 92 6.88 -8.26 17.47
CA HIS A 92 6.39 -9.58 17.87
C HIS A 92 5.32 -9.48 18.98
N ALA A 93 5.61 -8.72 20.04
CA ALA A 93 4.63 -8.52 21.11
C ALA A 93 3.38 -7.80 20.63
N ALA A 94 3.51 -6.86 19.70
CA ALA A 94 2.33 -6.21 19.10
C ALA A 94 1.47 -7.18 18.31
N PHE A 95 2.08 -8.03 17.49
CA PHE A 95 1.34 -9.07 16.79
C PHE A 95 0.64 -10.02 17.78
N VAL A 96 1.35 -10.46 18.83
CA VAL A 96 0.74 -11.30 19.87
C VAL A 96 -0.52 -10.62 20.42
N HIS A 97 -0.43 -9.33 20.72
CA HIS A 97 -1.57 -8.58 21.24
C HIS A 97 -2.73 -8.50 20.25
N GLY A 98 -2.42 -8.43 18.96
CA GLY A 98 -3.43 -8.47 17.91
C GLY A 98 -4.05 -9.83 17.62
N GLY A 99 -3.57 -10.88 18.28
CA GLY A 99 -4.14 -12.22 18.13
C GLY A 99 -3.39 -13.10 17.15
N VAL A 100 -2.21 -12.66 16.70
CA VAL A 100 -1.38 -13.52 15.83
C VAL A 100 -0.82 -14.73 16.62
N PRO A 101 -1.07 -15.97 16.18
CA PRO A 101 -0.60 -17.14 16.90
C PRO A 101 0.90 -17.31 16.86
N ARG A 102 1.46 -17.86 17.94
CA ARG A 102 2.85 -18.29 17.94
C ARG A 102 3.02 -19.49 17.01
N GLU A 103 2.04 -20.38 16.99
CA GLU A 103 2.19 -21.60 16.23
C GLU A 103 1.83 -21.35 14.76
N SER A 104 2.65 -21.85 13.86
CA SER A 104 2.31 -21.99 12.43
C SER A 104 1.80 -23.39 12.14
N TYR A 105 0.78 -23.49 11.30
CA TYR A 105 0.45 -24.77 10.69
C TYR A 105 1.62 -25.27 9.87
N LEU A 106 1.73 -26.60 9.83
CA LEU A 106 2.69 -27.32 9.03
C LEU A 106 2.05 -27.58 7.68
N SER A 107 2.86 -27.60 6.63
CA SER A 107 2.42 -28.01 5.31
C SER A 107 1.89 -29.44 5.39
N THR A 108 2.56 -30.33 6.09
CA THR A 108 2.04 -31.67 6.26
C THR A 108 2.05 -32.17 7.72
N PRO A 109 0.88 -32.58 8.22
CA PRO A 109 0.78 -33.06 9.60
C PRO A 109 1.72 -34.20 9.86
N VAL A 110 2.12 -34.37 11.11
CA VAL A 110 2.97 -35.48 11.49
C VAL A 110 2.22 -36.31 12.53
N THR A 111 1.95 -37.57 12.17
CA THR A 111 1.28 -38.55 13.02
C THR A 111 2.32 -39.17 13.93
N ARG A 112 2.93 -38.32 14.76
CA ARG A 112 4.17 -38.62 15.45
C ARG A 112 3.95 -38.57 16.97
N GLY A 113 3.60 -39.74 17.53
CA GLY A 113 3.41 -39.94 18.97
C GLY A 113 2.07 -40.57 19.36
N GLU A 114 1.41 -41.27 18.42
CA GLU A 114 -0.01 -41.65 18.54
C GLU A 114 -0.96 -40.46 18.31
N GLN A 115 -0.48 -39.24 18.62
CA GLN A 115 -1.22 -37.99 18.40
C GLN A 115 -0.75 -37.32 17.11
N THR A 116 -1.69 -36.63 16.46
CA THR A 116 -1.46 -35.95 15.19
C THR A 116 -1.19 -34.46 15.41
N VAL A 117 -0.03 -34.02 14.95
CA VAL A 117 0.45 -32.64 15.13
C VAL A 117 0.29 -31.86 13.82
N VAL A 118 -0.44 -30.77 13.89
CA VAL A 118 -0.75 -29.96 12.70
C VAL A 118 -0.04 -28.61 12.69
N LYS A 119 0.54 -28.23 13.82
CA LYS A 119 1.17 -26.94 13.99
C LYS A 119 2.32 -27.01 15.01
N THR A 120 3.20 -26.02 14.95
CA THR A 120 4.33 -25.88 15.86
C THR A 120 4.70 -24.39 16.01
N ALA A 121 5.29 -24.04 17.17
CA ALA A 121 5.76 -22.68 17.41
C ALA A 121 7.28 -22.55 17.25
N LYS A 122 7.93 -23.54 16.67
CA LYS A 122 9.32 -23.43 16.33
C LYS A 122 9.60 -23.88 14.90
N PHE A 123 10.39 -23.09 14.19
CA PHE A 123 10.57 -23.30 12.75
C PHE A 123 11.97 -23.70 12.31
N TYR A 124 12.93 -23.73 13.25
CA TYR A 124 14.31 -24.13 13.00
C TYR A 124 14.42 -25.64 13.24
N GLY A 125 15.39 -26.26 12.57
CA GLY A 125 15.56 -27.70 12.60
C GLY A 125 16.35 -28.17 13.82
N GLU A 126 16.19 -29.47 14.13
CA GLU A 126 16.92 -30.18 15.18
C GLU A 126 18.42 -29.97 15.02
N LYS A 127 18.93 -30.27 13.83
CA LYS A 127 20.29 -29.90 13.42
C LYS A 127 20.44 -28.37 13.50
N THR A 128 20.82 -27.94 14.70
CA THR A 128 20.75 -26.54 15.11
C THR A 128 22.15 -25.93 15.03
N THR A 129 22.75 -25.98 13.83
CA THR A 129 24.05 -25.33 13.56
C THR A 129 23.82 -23.82 13.45
N GLN A 130 23.62 -23.17 14.60
CA GLN A 130 23.19 -21.78 14.63
C GLN A 130 24.28 -20.91 14.03
N ARG A 131 23.90 -20.07 13.07
CA ARG A 131 24.80 -19.08 12.52
C ARG A 131 24.12 -17.72 12.49
N ASP A 132 24.91 -16.68 12.25
CA ASP A 132 24.38 -15.35 12.16
C ASP A 132 24.06 -15.02 10.70
N LEU A 133 23.24 -14.02 10.49
CA LEU A 133 22.94 -13.50 9.16
C LEU A 133 24.14 -12.81 8.52
N THR A 134 24.31 -12.97 7.22
CA THR A 134 25.26 -12.17 6.45
C THR A 134 24.67 -10.81 6.11
N GLU A 135 25.52 -9.89 5.68
CA GLU A 135 25.06 -8.59 5.22
C GLU A 135 24.07 -8.73 4.10
N LEU A 136 24.39 -9.57 3.12
CA LEU A 136 23.55 -9.71 1.94
C LEU A 136 22.18 -10.34 2.28
N GLU A 137 22.17 -11.22 3.26
CA GLU A 137 20.92 -11.80 3.75
C GLU A 137 20.06 -10.73 4.41
N ILE A 138 20.68 -9.86 5.19
CA ILE A 138 19.96 -8.74 5.78
C ILE A 138 19.33 -7.84 4.70
N SER A 139 20.11 -7.44 3.69
CA SER A 139 19.59 -6.64 2.59
C SER A 139 18.46 -7.36 1.83
N SER A 140 18.58 -8.67 1.69
CA SER A 140 17.55 -9.49 1.03
C SER A 140 16.25 -9.53 1.86
N ILE A 141 16.37 -9.61 3.17
CA ILE A 141 15.21 -9.54 4.06
C ILE A 141 14.61 -8.14 3.95
N PHE A 142 15.45 -7.10 3.88
CA PHE A 142 14.95 -5.74 3.65
C PHE A 142 14.13 -5.64 2.36
N SER A 143 14.63 -6.26 1.30
CA SER A 143 13.96 -6.28 0.01
C SER A 143 12.59 -6.93 0.08
N HIS A 144 12.54 -8.11 0.69
CA HIS A 144 11.29 -8.83 0.86
C HIS A 144 10.27 -7.99 1.68
N CYS A 145 10.74 -7.42 2.79
CA CYS A 145 9.87 -6.64 3.65
C CYS A 145 9.45 -5.32 3.04
N CYS A 146 10.31 -4.77 2.17
CA CYS A 146 10.00 -3.55 1.44
C CYS A 146 8.80 -3.78 0.52
N SER A 147 8.84 -4.83 -0.30
CA SER A 147 7.72 -5.19 -1.14
C SER A 147 6.49 -5.49 -0.33
N LEU A 148 6.65 -6.23 0.76
CA LEU A 148 5.56 -6.64 1.62
C LEU A 148 4.86 -5.42 2.16
N LEU A 149 5.63 -4.51 2.74
CA LEU A 149 5.02 -3.34 3.38
C LEU A 149 4.43 -2.33 2.39
N ILE A 150 4.98 -2.25 1.18
CA ILE A 150 4.37 -1.48 0.11
C ILE A 150 2.99 -2.02 -0.18
N GLY A 151 2.88 -3.34 -0.35
CA GLY A 151 1.57 -3.94 -0.53
C GLY A 151 0.60 -3.70 0.60
N VAL A 152 1.09 -3.73 1.83
CA VAL A 152 0.23 -3.44 2.98
C VAL A 152 -0.23 -1.99 3.00
N VAL A 153 0.65 -1.04 2.75
CA VAL A 153 0.21 0.36 2.75
C VAL A 153 -0.76 0.71 1.60
N ILE A 154 -0.57 0.14 0.41
CA ILE A 154 -1.48 0.38 -0.72
C ILE A 154 -2.72 -0.50 -0.72
N GLY A 155 -2.78 -1.48 0.19
CA GLY A 155 -3.94 -2.33 0.31
C GLY A 155 -4.15 -3.32 -0.81
N SER A 156 -3.09 -3.76 -1.47
CA SER A 156 -3.18 -4.65 -2.63
C SER A 156 -1.88 -5.41 -2.89
N SER A 157 -2.00 -6.69 -3.23
CA SER A 157 -0.86 -7.46 -3.72
C SER A 157 -0.72 -7.48 -5.25
N SER A 158 -1.71 -7.03 -5.99
CA SER A 158 -1.61 -7.02 -7.48
C SER A 158 -0.32 -6.45 -8.08
N LYS A 159 0.16 -5.30 -7.64
CA LYS A 159 1.45 -4.75 -8.13
C LYS A 159 2.70 -5.55 -7.71
N ILE A 160 2.71 -6.09 -6.51
CA ILE A 160 3.86 -6.86 -6.07
C ILE A 160 3.97 -8.22 -6.82
N LYS A 161 2.85 -8.92 -6.97
CA LYS A 161 2.78 -10.12 -7.83
C LYS A 161 3.26 -9.80 -9.26
N ALA A 162 3.02 -8.55 -9.71
CA ALA A 162 3.33 -8.12 -11.08
C ALA A 162 4.20 -6.85 -11.16
N GLY A 163 3.61 -5.65 -11.00
CA GLY A 163 4.22 -4.34 -11.29
C GLY A 163 5.48 -3.86 -10.52
N ALA A 164 6.55 -4.63 -10.65
CA ALA A 164 7.65 -4.65 -9.69
C ALA A 164 8.89 -3.80 -10.01
N GLU A 165 8.92 -3.10 -11.15
CA GLU A 165 10.15 -2.37 -11.47
C GLU A 165 10.19 -1.07 -10.66
N GLN A 166 9.04 -0.47 -10.45
CA GLN A 166 8.91 0.68 -9.56
C GLN A 166 9.30 0.32 -8.12
N ILE A 167 8.95 -0.89 -7.70
CA ILE A 167 9.33 -1.35 -6.35
C ILE A 167 10.85 -1.50 -6.23
N LYS A 168 11.48 -2.08 -7.23
CA LYS A 168 12.93 -2.26 -7.19
C LYS A 168 13.61 -0.91 -7.14
N LYS A 169 13.08 0.06 -7.88
CA LYS A 169 13.64 1.40 -7.84
C LYS A 169 13.63 2.00 -6.43
N ARG A 170 12.58 1.77 -5.67
CA ARG A 170 12.50 2.25 -4.30
C ARG A 170 13.55 1.54 -3.47
N PHE A 171 13.68 0.24 -3.66
CA PHE A 171 14.64 -0.56 -2.91
C PHE A 171 16.06 -0.10 -3.23
N LYS A 172 16.34 0.18 -4.50
CA LYS A 172 17.68 0.66 -4.89
C LYS A 172 18.01 2.02 -4.24
N THR A 173 17.01 2.88 -4.11
CA THR A 173 17.15 4.19 -3.48
C THR A 173 17.50 4.03 -1.99
N ALA A 176 21.16 2.68 -1.73
CA ALA A 176 22.09 3.80 -1.92
C ALA A 176 22.13 4.74 -0.69
N ALA A 177 20.99 5.06 -0.10
CA ALA A 177 20.96 5.88 1.13
C ALA A 177 21.71 5.22 2.29
N LEU A 178 21.84 3.91 2.23
CA LEU A 178 22.54 3.12 3.25
C LEU A 178 23.95 2.76 2.84
N ASN A 179 24.45 3.40 1.78
CA ASN A 179 25.82 3.25 1.27
C ASN A 179 26.16 1.83 0.85
N ARG A 180 25.14 1.09 0.38
CA ARG A 180 25.31 -0.23 -0.19
C ARG A 180 24.59 -0.36 -1.54
N PRO A 181 24.88 0.53 -2.49
CA PRO A 181 24.12 0.54 -3.75
C PRO A 181 24.20 -0.78 -4.53
N SER A 182 25.31 -1.51 -4.47
CA SER A 182 25.36 -2.78 -5.22
C SER A 182 24.27 -3.74 -4.75
N HIS A 183 23.92 -3.70 -3.47
CA HIS A 183 22.88 -4.59 -2.92
C HIS A 183 21.51 -4.31 -3.55
N GLY A 184 21.30 -3.10 -4.05
CA GLY A 184 20.08 -2.81 -4.84
C GLY A 184 19.89 -3.79 -6.00
N GLU A 185 21.00 -4.29 -6.54
CA GLU A 185 20.99 -5.33 -7.57
C GLU A 185 21.21 -6.74 -7.04
N THR A 186 22.10 -6.88 -6.06
CA THR A 186 22.57 -8.21 -5.65
C THR A 186 21.83 -8.89 -4.52
N ALA A 187 21.00 -8.16 -3.77
CA ALA A 187 20.34 -8.71 -2.57
C ALA A 187 19.09 -9.48 -3.02
N THR A 188 19.31 -10.63 -3.63
CA THR A 188 18.26 -11.39 -4.29
C THR A 188 18.09 -12.79 -3.65
N LEU A 189 18.64 -12.99 -2.46
CA LEU A 189 18.53 -14.31 -1.84
C LEU A 189 17.08 -14.74 -1.56
N LEU A 190 16.15 -13.79 -1.52
CA LEU A 190 14.72 -14.10 -1.32
C LEU A 190 13.87 -13.76 -2.55
N GLN A 191 14.54 -13.59 -3.69
CA GLN A 191 13.86 -13.20 -4.92
C GLN A 191 12.75 -14.18 -5.33
N PHE A 193 10.90 -15.83 -3.23
CA PHE A 193 9.85 -15.77 -2.21
C PHE A 193 9.04 -14.47 -2.30
N ASN A 194 8.00 -14.47 -3.14
CA ASN A 194 7.17 -13.29 -3.31
C ASN A 194 6.25 -13.12 -2.07
N PRO A 195 6.16 -11.92 -1.51
CA PRO A 195 5.32 -11.68 -0.31
C PRO A 195 3.82 -11.58 -0.56
N HIS A 196 3.34 -11.88 -1.77
CA HIS A 196 1.93 -11.59 -2.07
C HIS A 196 0.94 -12.22 -1.10
N GLU A 197 1.18 -13.46 -0.67
CA GLU A 197 0.23 -14.09 0.25
C GLU A 197 0.23 -13.40 1.60
N ALA A 198 1.41 -12.96 2.02
CA ALA A 198 1.50 -12.26 3.29
C ALA A 198 0.90 -10.85 3.22
N ILE A 199 0.98 -10.17 2.08
CA ILE A 199 0.26 -8.89 1.88
C ILE A 199 -1.21 -9.10 2.07
N ASP A 200 -1.78 -10.12 1.43
CA ASP A 200 -3.21 -10.36 1.50
C ASP A 200 -3.61 -10.71 2.93
N TRP A 201 -2.83 -11.55 3.58
CA TRP A 201 -3.17 -12.01 4.93
C TRP A 201 -3.17 -10.82 5.94
N ILE A 202 -2.11 -10.03 5.93
CA ILE A 202 -2.03 -8.87 6.80
C ILE A 202 -3.15 -7.86 6.47
N ASN A 203 -3.42 -7.65 5.18
CA ASN A 203 -4.46 -6.75 4.75
C ASN A 203 -5.87 -7.14 5.23
N GLY A 204 -6.07 -8.42 5.52
CA GLY A 204 -7.33 -8.90 6.08
C GLY A 204 -7.44 -8.90 7.59
N GLN A 205 -6.39 -8.51 8.31
CA GLN A 205 -6.44 -8.53 9.78
C GLN A 205 -6.98 -7.22 10.34
N PRO A 206 -7.70 -7.27 11.48
CA PRO A 206 -8.38 -6.07 12.00
C PRO A 206 -7.43 -4.98 12.46
N TRP A 207 -6.18 -5.36 12.71
CA TRP A 207 -5.17 -4.45 13.25
C TRP A 207 -4.28 -3.84 12.17
N VAL A 208 -4.55 -4.09 10.88
CA VAL A 208 -3.67 -3.58 9.80
C VAL A 208 -3.48 -2.05 9.85
N GLY A 209 -4.56 -1.31 10.08
CA GLY A 209 -4.45 0.14 10.18
C GLY A 209 -3.52 0.65 11.28
N SER A 210 -3.68 0.08 12.48
CA SER A 210 -2.84 0.39 13.64
C SER A 210 -1.40 0.03 13.37
N PHE A 211 -1.17 -1.09 12.69
CA PHE A 211 0.18 -1.52 12.34
C PHE A 211 0.84 -0.48 11.42
N VAL A 212 0.14 -0.05 10.38
CA VAL A 212 0.68 0.97 9.46
C VAL A 212 0.92 2.29 10.21
N LEU A 213 -0.04 2.69 11.03
CA LEU A 213 0.09 3.93 11.82
C LEU A 213 1.35 3.89 12.68
N SER A 214 1.59 2.78 13.33
CA SER A 214 2.77 2.61 14.16
C SER A 214 4.04 2.70 13.35
N LEU A 215 4.07 2.17 12.12
CA LEU A 215 5.24 2.26 11.27
C LEU A 215 5.51 3.69 10.81
N LEU A 216 4.46 4.41 10.47
CA LEU A 216 4.58 5.78 9.96
C LEU A 216 4.95 6.81 11.02
N THR A 217 4.64 6.52 12.29
CA THR A 217 4.81 7.49 13.37
C THR A 217 5.94 7.15 14.33
N THR A 218 6.58 6.00 14.18
CA THR A 218 7.72 5.66 15.03
C THR A 218 8.98 6.27 14.43
N ASP A 219 9.83 6.84 15.29
CA ASP A 219 11.10 7.38 14.88
C ASP A 219 12.14 6.24 14.98
N PHE A 220 12.40 5.58 13.86
CA PHE A 220 13.35 4.46 13.83
C PHE A 220 14.82 4.92 13.70
N GLU A 221 15.70 4.26 14.45
CA GLU A 221 17.12 4.36 14.22
C GLU A 221 17.42 3.84 12.82
N SER A 222 18.50 4.31 12.23
CA SER A 222 19.08 3.71 11.04
C SER A 222 19.41 2.25 11.30
N PRO A 223 19.21 1.36 10.33
CA PRO A 223 18.74 1.63 8.97
C PRO A 223 17.22 1.68 8.79
N GLY A 224 16.47 1.63 9.88
CA GLY A 224 15.04 1.73 9.85
C GLY A 224 14.55 3.05 9.32
N LYS A 225 15.28 4.13 9.63
CA LYS A 225 14.91 5.46 9.15
C LYS A 225 14.86 5.46 7.64
N GLU A 226 15.92 4.95 7.03
CA GLU A 226 16.03 4.93 5.58
C GLU A 226 15.02 3.96 4.95
N PHE A 227 14.81 2.81 5.60
CA PHE A 227 13.75 1.86 5.16
C PHE A 227 12.38 2.57 5.14
N ASP A 229 11.67 5.75 5.11
CA ASP A 229 11.61 6.85 4.16
C ASP A 229 10.92 6.40 2.88
N GLN A 230 11.26 5.20 2.38
CA GLN A 230 10.61 4.69 1.17
C GLN A 230 9.16 4.30 1.42
N ILE A 231 8.86 3.67 2.56
CA ILE A 231 7.49 3.26 2.82
C ILE A 231 6.62 4.53 2.95
N LYS A 232 7.12 5.57 3.62
CA LYS A 232 6.36 6.81 3.75
C LYS A 232 6.05 7.49 2.40
N LEU A 233 7.00 7.48 1.46
CA LEU A 233 6.77 8.03 0.15
C LEU A 233 5.61 7.29 -0.54
N VAL A 234 5.61 5.96 -0.44
CA VAL A 234 4.57 5.13 -1.02
C VAL A 234 3.21 5.29 -0.30
N ALA A 235 3.26 5.41 1.00
CA ALA A 235 2.04 5.55 1.79
C ALA A 235 1.32 6.91 1.60
N SER A 236 2.03 7.93 1.16
CA SER A 236 1.45 9.26 0.98
C SER A 236 0.33 9.25 -0.07
N TYR A 237 -0.89 9.56 0.38
CA TYR A 237 -2.14 9.49 -0.41
C TYR A 237 -2.48 8.08 -0.95
N ALA A 238 -1.87 7.04 -0.36
CA ALA A 238 -2.21 5.65 -0.69
C ALA A 238 -3.66 5.39 -0.33
N GLN A 239 -4.40 4.75 -1.22
CA GLN A 239 -5.81 4.40 -1.02
C GLN A 239 -6.66 5.67 -0.82
N THR A 241 -7.20 7.57 -3.80
CA THR A 241 -7.10 7.90 -5.21
C THR A 241 -8.25 8.79 -5.65
N THR A 242 -9.41 8.71 -5.02
CA THR A 242 -10.51 9.64 -5.34
C THR A 242 -10.13 11.07 -4.96
N TYR A 243 -9.57 11.24 -3.77
CA TYR A 243 -9.08 12.53 -3.33
C TYR A 243 -8.04 13.11 -4.31
N THR A 244 -7.02 12.34 -4.66
CA THR A 244 -5.95 12.87 -5.49
C THR A 244 -6.38 13.09 -6.92
N THR A 245 -7.27 12.26 -7.46
CA THR A 245 -7.80 12.45 -8.81
C THR A 245 -8.65 13.72 -8.89
N ILE A 246 -9.51 13.95 -7.89
CA ILE A 246 -10.26 15.21 -7.81
C ILE A 246 -9.32 16.40 -7.71
N LYS A 247 -8.31 16.36 -6.85
CA LYS A 247 -7.37 17.48 -6.70
C LYS A 247 -6.65 17.77 -8.02
N GLU A 248 -6.31 16.72 -8.75
CA GLU A 248 -5.66 16.87 -10.07
C GLU A 248 -6.58 17.57 -11.04
N TYR A 249 -7.83 17.12 -11.05
CA TYR A 249 -8.87 17.70 -11.90
C TYR A 249 -9.08 19.21 -11.61
N LEU A 250 -9.24 19.54 -10.34
CA LEU A 250 -9.39 20.93 -9.92
C LEU A 250 -8.19 21.85 -10.23
N ALA A 251 -7.00 21.29 -10.24
CA ALA A 251 -5.80 22.06 -10.57
C ALA A 251 -5.53 22.20 -12.07
N GLU A 252 -5.90 21.18 -12.85
CA GLU A 252 -5.39 21.04 -14.22
C GLU A 252 -6.45 21.10 -15.31
N CYS A 253 -7.72 20.84 -14.96
CA CYS A 253 -8.80 20.89 -15.95
C CYS A 253 -8.93 22.28 -16.56
N ASP A 255 -11.38 22.93 -18.95
CA ASP A 255 -12.70 22.96 -19.60
C ASP A 255 -13.85 23.28 -18.65
N ALA A 256 -15.04 23.48 -19.22
CA ALA A 256 -16.19 24.00 -18.51
C ALA A 256 -16.94 22.93 -17.72
N THR A 257 -16.47 21.69 -17.72
CA THR A 257 -17.10 20.69 -16.86
C THR A 257 -17.09 21.09 -15.39
N LEU A 258 -16.09 21.87 -15.00
CA LEU A 258 -15.97 22.39 -13.65
C LEU A 258 -17.14 23.30 -13.28
N THR A 259 -17.79 23.89 -14.29
CA THR A 259 -18.86 24.88 -14.07
C THR A 259 -20.26 24.30 -14.04
N ILE A 260 -20.39 23.01 -14.33
CA ILE A 260 -21.71 22.38 -14.31
C ILE A 260 -22.20 22.50 -12.87
N PRO A 261 -23.36 23.13 -12.65
CA PRO A 261 -23.77 23.47 -11.30
C PRO A 261 -23.67 22.33 -10.29
N VAL A 262 -24.16 21.13 -10.54
CA VAL A 262 -24.06 20.09 -9.51
C VAL A 262 -22.61 19.69 -9.20
N VAL A 263 -21.72 19.83 -10.20
CA VAL A 263 -20.29 19.62 -9.99
C VAL A 263 -19.69 20.74 -9.13
N ALA A 264 -19.95 21.99 -9.51
CA ALA A 264 -19.39 23.15 -8.81
C ALA A 264 -19.79 23.16 -7.34
N TYR A 265 -21.05 22.81 -7.03
CA TYR A 265 -21.50 22.84 -5.62
C TYR A 265 -20.72 21.80 -4.82
N GLU A 266 -20.42 20.65 -5.44
CA GLU A 266 -19.61 19.64 -4.78
C GLU A 266 -18.14 19.98 -4.69
N ILE A 267 -17.61 20.79 -5.62
CA ILE A 267 -16.25 21.32 -5.50
C ILE A 267 -16.11 22.14 -4.23
N ARG A 268 -17.03 23.04 -3.98
CA ARG A 268 -16.97 23.82 -2.76
C ARG A 268 -17.04 22.92 -1.51
N ASP A 269 -17.99 21.99 -1.48
CA ASP A 269 -18.12 21.09 -0.32
C ASP A 269 -16.83 20.26 -0.10
N PHE A 270 -16.27 19.74 -1.19
CA PHE A 270 -15.09 18.88 -1.17
C PHE A 270 -13.92 19.64 -0.58
N LEU A 271 -13.73 20.88 -1.00
CA LEU A 271 -12.61 21.69 -0.52
C LEU A 271 -12.78 22.00 0.97
N GLU A 272 -14.01 22.15 1.40
CA GLU A 272 -14.29 22.50 2.79
C GLU A 272 -14.18 21.26 3.70
N VAL A 273 -14.74 20.13 3.27
CA VAL A 273 -14.58 18.83 3.95
C VAL A 273 -13.10 18.48 4.09
N SER A 274 -12.36 18.62 2.99
CA SER A 274 -10.92 18.37 2.95
C SER A 274 -10.16 19.28 3.92
N ALA A 275 -10.51 20.56 3.96
CA ALA A 275 -9.84 21.49 4.88
C ALA A 275 -10.08 21.11 6.35
N LYS A 276 -11.30 20.68 6.66
CA LYS A 276 -11.65 20.23 8.00
C LYS A 276 -10.86 18.98 8.41
N LEU A 277 -10.70 18.05 7.48
CA LEU A 277 -9.93 16.84 7.74
C LEU A 277 -8.44 17.17 7.87
N LYS A 278 -7.95 18.15 7.12
CA LYS A 278 -6.56 18.58 7.23
C LYS A 278 -6.28 19.23 8.57
N GLU A 279 -7.22 20.08 9.02
CA GLU A 279 -7.11 20.65 10.34
C GLU A 279 -7.11 19.58 11.42
N ASP A 280 -8.04 18.63 11.32
CA ASP A 280 -8.14 17.61 12.33
C ASP A 280 -6.92 16.68 12.40
N HIS A 281 -6.43 16.27 11.23
CA HIS A 281 -5.42 15.20 11.15
C HIS A 281 -4.00 15.65 10.95
N ALA A 282 -3.82 16.91 10.57
CA ALA A 282 -2.50 17.51 10.38
C ALA A 282 -1.60 16.62 9.48
N ASP A 283 -0.41 16.25 9.97
CA ASP A 283 0.55 15.48 9.18
C ASP A 283 0.13 14.04 8.85
N LEU A 284 -0.90 13.53 9.52
CA LEU A 284 -1.51 12.25 9.18
C LEU A 284 -2.52 12.28 8.03
N PHE A 285 -2.91 13.49 7.58
CA PHE A 285 -3.92 13.61 6.56
C PHE A 285 -3.61 12.76 5.31
N PRO A 286 -2.39 12.80 4.77
CA PRO A 286 -2.06 11.99 3.59
C PRO A 286 -2.04 10.50 3.88
N PHE A 287 -2.12 10.11 5.15
CA PHE A 287 -2.07 8.72 5.54
C PHE A 287 -3.38 8.10 5.97
N LEU A 288 -4.50 8.81 5.83
CA LEU A 288 -5.79 8.27 6.30
C LEU A 288 -6.18 6.96 5.64
N GLY A 289 -5.94 6.87 4.33
CA GLY A 289 -6.20 5.64 3.59
C GLY A 289 -5.28 4.51 4.08
N ALA A 290 -3.98 4.83 4.25
CA ALA A 290 -2.97 3.83 4.58
C ALA A 290 -3.22 3.25 5.99
N ILE A 291 -3.71 4.08 6.90
CA ILE A 291 -4.02 3.63 8.24
C ILE A 291 -5.44 3.14 8.43
N ARG A 292 -6.21 3.05 7.34
CA ARG A 292 -7.60 2.61 7.37
C ARG A 292 -8.45 3.41 8.39
N HIS A 293 -8.26 4.71 8.40
CA HIS A 293 -9.00 5.58 9.31
C HIS A 293 -10.40 5.73 8.76
N PRO A 294 -11.40 5.69 9.63
CA PRO A 294 -12.79 5.85 9.18
C PRO A 294 -13.06 7.15 8.43
N ASP A 295 -12.34 8.22 8.72
CA ASP A 295 -12.54 9.48 7.98
C ASP A 295 -12.21 9.43 6.47
N ALA A 296 -11.37 8.47 6.04
CA ALA A 296 -11.05 8.30 4.62
C ALA A 296 -12.29 8.18 3.75
N ILE A 297 -13.35 7.59 4.29
CA ILE A 297 -14.60 7.39 3.55
C ILE A 297 -15.30 8.73 3.24
N LYS A 298 -15.01 9.77 4.02
CA LYS A 298 -15.53 11.11 3.75
C LYS A 298 -15.04 11.70 2.43
N LEU A 299 -14.04 11.05 1.84
CA LEU A 299 -13.46 11.51 0.57
C LEU A 299 -13.58 10.44 -0.52
N ALA A 300 -14.50 9.52 -0.32
CA ALA A 300 -14.84 8.50 -1.30
C ALA A 300 -15.81 9.05 -2.36
N PRO A 301 -15.88 8.38 -3.51
CA PRO A 301 -16.77 8.82 -4.59
C PRO A 301 -18.21 9.07 -4.18
N ARG A 302 -18.74 8.22 -3.31
CA ARG A 302 -20.11 8.34 -2.83
C ARG A 302 -20.41 9.67 -2.12
N SER A 303 -19.39 10.27 -1.54
CA SER A 303 -19.50 11.56 -0.84
C SER A 303 -19.62 12.76 -1.77
N PHE A 304 -19.14 12.60 -3.01
CA PHE A 304 -19.14 13.67 -4.04
C PHE A 304 -19.38 13.03 -5.41
N PRO A 305 -20.57 12.44 -5.62
CA PRO A 305 -20.81 11.61 -6.79
C PRO A 305 -20.66 12.35 -8.10
N ASN A 306 -21.12 13.60 -8.17
CA ASN A 306 -21.07 14.40 -9.40
C ASN A 306 -19.67 14.89 -9.71
N LEU A 307 -18.95 15.37 -8.70
CA LEU A 307 -17.56 15.78 -8.87
C LEU A 307 -16.64 14.61 -9.19
N ALA A 308 -16.85 13.50 -8.51
CA ALA A 308 -16.07 12.30 -8.81
C ALA A 308 -16.33 11.84 -10.25
N SER A 309 -17.57 11.92 -10.68
CA SER A 309 -17.89 11.55 -12.07
C SER A 309 -17.14 12.44 -13.07
N ALA A 310 -17.17 13.76 -12.83
CA ALA A 310 -16.49 14.73 -13.68
C ALA A 310 -14.99 14.55 -13.70
N ALA A 311 -14.38 14.29 -12.53
CA ALA A 311 -12.94 14.13 -12.42
C ALA A 311 -12.44 12.83 -13.06
N PHE A 312 -13.20 11.74 -12.86
CA PHE A 312 -12.91 10.45 -13.48
C PHE A 312 -13.06 10.54 -15.00
N TYR A 313 -14.10 11.22 -15.46
CA TYR A 313 -14.31 11.46 -16.89
C TYR A 313 -13.10 12.16 -17.47
N TRP A 314 -12.72 13.28 -16.86
CA TRP A 314 -11.59 14.07 -17.31
C TRP A 314 -10.32 13.23 -17.32
N SER A 315 -10.13 12.48 -16.24
CA SER A 315 -8.87 11.78 -16.02
C SER A 315 -8.66 10.61 -17.02
N LYS A 316 -9.74 9.95 -17.41
CA LYS A 316 -9.66 8.90 -18.43
C LYS A 316 -9.44 9.50 -19.82
N LYS A 317 -10.03 10.66 -20.12
CA LYS A 317 -9.79 11.35 -21.39
C LYS A 317 -8.38 11.92 -21.45
N GLU A 318 -7.79 12.29 -20.31
CA GLU A 318 -6.44 12.87 -20.32
C GLU A 318 -5.36 11.79 -20.33
N ASN A 319 -5.72 10.55 -19.96
CA ASN A 319 -4.79 9.42 -19.89
C ASN A 319 -5.25 8.30 -20.80
N SER A 328 -16.89 3.90 -17.87
CA SER A 328 -17.94 3.88 -16.83
C SER A 328 -17.67 4.86 -15.66
N THR A 329 -17.70 6.16 -15.94
CA THR A 329 -17.26 7.12 -14.92
C THR A 329 -18.38 7.68 -14.04
N ILE A 330 -19.63 7.57 -14.46
CA ILE A 330 -20.75 8.10 -13.68
C ILE A 330 -20.95 7.29 -12.39
N GLN A 331 -20.91 7.99 -11.26
CA GLN A 331 -20.93 7.37 -9.97
C GLN A 331 -22.35 7.20 -9.48
N PRO A 332 -22.60 6.15 -8.71
CA PRO A 332 -23.87 5.99 -8.02
C PRO A 332 -24.24 7.23 -7.23
N GLY A 333 -25.41 7.77 -7.52
CA GLY A 333 -25.89 8.96 -6.86
C GLY A 333 -25.73 10.22 -7.70
N ALA A 334 -24.86 10.18 -8.70
CA ALA A 334 -24.66 11.35 -9.56
C ALA A 334 -25.87 11.61 -10.43
N SER A 335 -26.23 12.88 -10.61
CA SER A 335 -27.22 13.26 -11.62
C SER A 335 -26.62 13.77 -12.95
N VAL A 336 -25.35 14.18 -12.95
CA VAL A 336 -24.67 14.60 -14.18
C VAL A 336 -24.60 13.42 -15.18
N LYS A 337 -24.72 13.72 -16.45
CA LYS A 337 -24.69 12.72 -17.51
C LYS A 337 -23.45 12.82 -18.40
N GLU A 338 -23.08 11.70 -19.02
CA GLU A 338 -21.91 11.65 -19.87
C GLU A 338 -22.07 12.61 -21.05
N THR A 339 -23.28 12.78 -21.54
CA THR A 339 -23.52 13.66 -22.69
C THR A 339 -23.32 15.13 -22.30
N GLN A 340 -23.62 15.46 -21.06
CA GLN A 340 -23.41 16.79 -20.53
C GLN A 340 -21.92 17.06 -20.31
N LEU A 341 -21.23 16.10 -19.72
CA LEU A 341 -19.77 16.16 -19.56
C LEU A 341 -19.06 16.34 -20.90
N ALA A 342 -19.53 15.63 -21.93
CA ALA A 342 -18.94 15.75 -23.27
C ALA A 342 -19.07 17.14 -23.85
N ARG A 343 -20.24 17.73 -23.72
CA ARG A 343 -20.54 19.01 -24.31
C ARG A 343 -19.73 20.11 -23.59
N TYR A 344 -19.64 20.03 -22.27
CA TYR A 344 -18.98 21.07 -21.48
C TYR A 344 -17.47 20.95 -21.60
N ARG A 345 -16.98 19.73 -21.84
CA ARG A 345 -15.57 19.48 -22.04
C ARG A 345 -15.04 20.24 -23.26
N ARG A 346 -15.87 20.39 -24.28
CA ARG A 346 -15.53 21.17 -25.50
C ARG A 346 -15.43 22.68 -25.31
N ARG A 347 -15.87 23.22 -24.17
CA ARG A 347 -15.75 24.64 -23.90
C ARG A 347 -14.59 24.88 -22.94
N GLU A 348 -13.87 25.94 -23.16
CA GLU A 348 -12.66 26.23 -22.40
C GLU A 348 -13.00 27.13 -21.24
N ILE A 349 -12.31 26.96 -20.12
CA ILE A 349 -12.28 28.00 -19.11
C ILE A 349 -10.90 28.67 -19.14
N SER A 350 -10.76 29.74 -18.38
CA SER A 350 -9.49 30.46 -18.26
C SER A 350 -9.01 30.36 -16.82
N ARG A 351 -7.71 30.32 -16.65
CA ARG A 351 -7.05 30.40 -15.33
C ARG A 351 -6.16 31.65 -15.26
N GLY A 352 -6.54 32.69 -15.99
CA GLY A 352 -5.86 33.98 -15.95
C GLY A 352 -4.94 34.13 -17.15
N GLU A 353 -4.65 35.37 -17.54
CA GLU A 353 -3.63 35.64 -18.58
C GLU A 353 -2.33 36.19 -17.93
N ASP A 354 -1.16 35.83 -18.48
CA ASP A 354 0.14 36.14 -17.86
C ASP A 354 1.03 37.17 -18.57
N GLY A 355 0.46 37.85 -19.57
CA GLY A 355 1.21 38.77 -20.43
C GLY A 355 1.25 38.23 -21.85
N ALA A 356 1.05 39.11 -22.84
CA ALA A 356 1.10 38.72 -24.27
C ALA A 356 2.46 38.92 -24.94
N GLU A 357 3.48 39.33 -24.18
CA GLU A 357 4.82 39.49 -24.73
C GLU A 357 5.84 38.80 -23.85
N LEU A 358 6.76 38.09 -24.47
CA LEU A 358 7.88 37.53 -23.72
C LEU A 358 8.91 38.61 -23.43
N SER A 359 9.58 38.51 -22.31
CA SER A 359 10.76 39.33 -22.04
C SER A 359 11.81 39.05 -23.12
N GLY A 360 12.69 40.04 -23.36
CA GLY A 360 13.81 39.89 -24.24
C GLY A 360 14.65 38.66 -23.93
N GLU A 361 14.91 38.40 -22.65
CA GLU A 361 15.75 37.26 -22.22
C GLU A 361 15.07 35.92 -22.58
N ILE A 362 13.78 35.81 -22.30
CA ILE A 362 13.04 34.58 -22.61
C ILE A 362 12.87 34.41 -24.11
N SER A 363 12.71 35.50 -24.87
CA SER A 363 12.74 35.41 -26.34
C SER A 363 14.06 34.85 -26.85
N ALA A 364 15.17 35.26 -26.23
CA ALA A 364 16.48 34.77 -26.65
C ALA A 364 16.65 33.27 -26.33
N ILE A 365 16.16 32.87 -25.18
CA ILE A 365 16.23 31.47 -24.80
C ILE A 365 15.39 30.67 -25.77
N LYS A 367 14.82 31.28 -28.89
CA LYS A 367 15.58 31.14 -30.13
C LYS A 367 16.57 29.97 -30.07
N ILE A 369 16.05 27.06 -29.07
CA ILE A 369 15.39 25.81 -29.36
C ILE A 369 14.47 25.90 -30.60
N GLY A 370 14.56 27.01 -31.34
CA GLY A 370 13.83 27.22 -32.60
C GLY A 370 12.40 27.78 -32.44
N VAL A 371 12.13 28.39 -31.28
CA VAL A 371 10.83 28.99 -30.97
C VAL A 371 10.92 30.50 -31.20
N THR A 372 10.02 31.03 -32.01
CA THR A 372 10.05 32.45 -32.44
C THR A 372 9.19 33.38 -31.61
N GLY A 373 8.29 32.83 -30.82
CA GLY A 373 7.44 33.64 -29.98
C GLY A 373 6.15 32.91 -29.65
N LEU A 374 5.29 33.63 -28.95
CA LEU A 374 3.94 33.17 -28.66
C LEU A 374 3.07 33.23 -29.90
N ASN A 375 2.09 32.34 -29.97
CA ASN A 375 1.19 32.26 -31.11
C ASN A 375 -0.29 32.38 -30.69
#